data_5KZ7
#
_entry.id   5KZ7
#
_cell.length_a   119.350
_cell.length_b   119.350
_cell.length_c   98.738
_cell.angle_alpha   90.000
_cell.angle_beta   90.000
_cell.angle_gamma   120.000
#
_symmetry.space_group_name_H-M   'P 61'
#
loop_
_entity.id
_entity.type
_entity.pdbx_description
1 polymer 'Serine/threonine-protein kinase MARK2'
2 non-polymer 7-[(1~{S})-1-(4-fluorophenyl)ethyl]-5,5-dimethyl-2-(pyridin-3-ylamino)pyrrolo[2,3-d]pyrimidin-6-one
#
_entity_poly.entity_id   1
_entity_poly.type   'polypeptide(L)'
_entity_poly.pdbx_seq_one_letter_code
;MAHNHRHKHADYKDDDDKKLNSATSADEQPHIGNYRLLKTIGKGNFAKVKLARHILTGKEVAVKIIDKTQLNSSSLQKLF
REVRIMKVLNHPNIVKLFEVIETEKTLYLVMEYASGGEVFDYLVAHGRMKEKEARAKFRQIVSAVQYCHQKFIVHRDLKA
ENLLLDADMNIKIADFGFSNEFTFGNKLDTFCGSPPYAAPELFQGKKYDGPEVDVWSLGVILYTLVSGSLPFDGQNLKEL
RERVLRGKYRIPFYMSTDCENLLKKFLILNPSKRGTLEQIMKDRWMNVGHEDDELKPYVEPLPDYKDPRRTELMVSMGYT
REEIQDSLVGQRYNEVMATYLLLGYK
;
_entity_poly.pdbx_strand_id   A,B
#
# COMPACT_ATOMS: atom_id res chain seq x y z
N PRO A 30 -29.83 -11.74 7.37
CA PRO A 30 -29.44 -10.84 8.46
C PRO A 30 -29.75 -11.42 9.84
N HIS A 31 -29.34 -12.70 10.07
CA HIS A 31 -29.52 -13.43 11.32
C HIS A 31 -28.52 -14.63 11.48
N ILE A 32 -27.25 -14.33 11.85
CA ILE A 32 -26.19 -15.33 12.04
C ILE A 32 -26.03 -15.65 13.52
N GLY A 33 -26.69 -16.72 13.94
CA GLY A 33 -26.69 -17.18 15.32
C GLY A 33 -27.55 -16.30 16.20
N ASN A 34 -26.94 -15.77 17.27
CA ASN A 34 -27.55 -14.90 18.29
C ASN A 34 -27.59 -13.43 17.89
N TYR A 35 -27.09 -13.14 16.70
CA TYR A 35 -26.97 -11.79 16.14
C TYR A 35 -27.84 -11.53 14.91
N ARG A 36 -28.27 -10.27 14.77
CA ARG A 36 -29.09 -9.76 13.68
C ARG A 36 -28.16 -8.80 12.94
N LEU A 37 -27.84 -9.12 11.69
CA LEU A 37 -26.93 -8.29 10.89
C LEU A 37 -27.56 -7.02 10.38
N LEU A 38 -26.84 -5.91 10.54
CA LEU A 38 -27.26 -4.58 10.13
C LEU A 38 -26.41 -4.13 8.91
N LYS A 39 -25.61 -3.05 9.02
CA LYS A 39 -24.75 -2.55 7.94
C LYS A 39 -23.53 -3.47 7.64
N THR A 40 -22.71 -3.09 6.66
CA THR A 40 -21.48 -3.78 6.26
C THR A 40 -20.39 -2.70 6.32
N ILE A 41 -19.82 -2.51 7.52
CA ILE A 41 -18.78 -1.50 7.81
C ILE A 41 -17.45 -1.76 7.07
N GLY A 42 -17.38 -2.86 6.34
CA GLY A 42 -16.19 -3.24 5.57
C GLY A 42 -16.34 -4.56 4.82
N LYS A 43 -15.64 -4.66 3.69
CA LYS A 43 -15.62 -5.85 2.84
C LYS A 43 -14.17 -6.06 2.39
N GLY A 44 -13.90 -7.20 1.78
CA GLY A 44 -12.56 -7.50 1.31
C GLY A 44 -12.38 -8.90 0.76
N ASN A 45 -11.12 -9.35 0.76
CA ASN A 45 -10.65 -10.65 0.29
C ASN A 45 -11.19 -11.76 1.18
N PHE A 46 -12.37 -12.30 0.80
CA PHE A 46 -13.14 -13.40 1.44
C PHE A 46 -13.65 -13.09 2.87
N ALA A 47 -12.99 -12.14 3.59
CA ALA A 47 -13.33 -11.70 4.94
C ALA A 47 -14.12 -10.39 4.85
N LYS A 48 -15.25 -10.31 5.56
CA LYS A 48 -16.10 -9.12 5.55
C LYS A 48 -16.68 -8.86 6.97
N VAL A 49 -16.59 -7.60 7.42
CA VAL A 49 -17.05 -7.14 8.72
C VAL A 49 -18.40 -6.49 8.61
N LYS A 50 -19.37 -7.01 9.36
CA LYS A 50 -20.74 -6.50 9.37
C LYS A 50 -21.12 -6.02 10.77
N LEU A 51 -21.75 -4.83 10.85
CA LEU A 51 -22.23 -4.29 12.13
C LEU A 51 -23.46 -5.13 12.46
N ALA A 52 -23.58 -5.61 13.71
CA ALA A 52 -24.69 -6.46 14.14
C ALA A 52 -25.22 -6.07 15.51
N ARG A 53 -26.20 -6.83 16.01
CA ARG A 53 -26.77 -6.59 17.33
C ARG A 53 -27.00 -7.92 18.06
N HIS A 54 -26.51 -8.06 19.31
CA HIS A 54 -26.70 -9.28 20.11
C HIS A 54 -28.16 -9.23 20.51
N ILE A 55 -28.97 -10.12 19.92
CA ILE A 55 -30.42 -10.18 20.11
C ILE A 55 -30.83 -10.25 21.60
N LEU A 56 -30.23 -11.14 22.41
CA LEU A 56 -30.55 -11.29 23.85
C LEU A 56 -30.28 -10.07 24.74
N THR A 57 -29.26 -9.24 24.40
CA THR A 57 -28.84 -8.06 25.19
C THR A 57 -29.11 -6.70 24.52
N GLY A 58 -29.41 -6.71 23.22
CA GLY A 58 -29.65 -5.50 22.42
C GLY A 58 -28.39 -4.70 22.13
N LYS A 59 -27.20 -5.28 22.46
CA LYS A 59 -25.88 -4.66 22.29
C LYS A 59 -25.34 -4.62 20.85
N GLU A 60 -24.56 -3.56 20.51
CA GLU A 60 -23.96 -3.40 19.18
C GLU A 60 -22.57 -4.03 19.13
N VAL A 61 -22.35 -4.84 18.10
CA VAL A 61 -21.10 -5.55 17.85
C VAL A 61 -20.70 -5.47 16.38
N ALA A 62 -19.48 -5.89 16.07
CA ALA A 62 -18.96 -5.95 14.72
C ALA A 62 -18.51 -7.41 14.50
N VAL A 63 -19.18 -8.13 13.56
CA VAL A 63 -18.92 -9.53 13.23
C VAL A 63 -17.98 -9.69 12.02
N LYS A 64 -16.79 -10.24 12.25
CA LYS A 64 -15.77 -10.51 11.23
C LYS A 64 -16.14 -11.87 10.63
N ILE A 65 -16.71 -11.88 9.41
CA ILE A 65 -17.14 -13.12 8.73
C ILE A 65 -16.08 -13.57 7.74
N ILE A 66 -15.35 -14.66 8.07
CA ILE A 66 -14.23 -15.21 7.28
C ILE A 66 -14.55 -16.55 6.59
N ASP A 67 -14.41 -16.57 5.25
CA ASP A 67 -14.64 -17.74 4.42
C ASP A 67 -13.31 -18.45 4.25
N LYS A 68 -13.12 -19.51 5.05
CA LYS A 68 -11.91 -20.34 5.12
C LYS A 68 -11.65 -21.20 3.87
N THR A 69 -12.69 -21.44 3.04
CA THR A 69 -12.54 -22.23 1.81
C THR A 69 -11.53 -21.58 0.85
N GLN A 70 -11.62 -20.25 0.76
CA GLN A 70 -10.84 -19.38 -0.09
C GLN A 70 -9.50 -18.89 0.53
N LEU A 71 -9.24 -19.18 1.82
CA LEU A 71 -8.01 -18.77 2.50
C LEU A 71 -6.87 -19.73 2.19
N ASN A 72 -5.67 -19.18 1.94
CA ASN A 72 -4.47 -19.94 1.62
C ASN A 72 -3.79 -20.55 2.85
N SER A 73 -2.79 -21.41 2.62
CA SER A 73 -1.99 -22.12 3.62
C SER A 73 -1.51 -21.25 4.80
N SER A 74 -0.82 -20.13 4.52
CA SER A 74 -0.27 -19.22 5.52
C SER A 74 -1.30 -18.34 6.24
N SER A 75 -2.32 -17.80 5.53
CA SER A 75 -3.34 -16.92 6.12
C SER A 75 -4.22 -17.62 7.14
N LEU A 76 -4.48 -18.93 6.98
CA LEU A 76 -5.28 -19.64 7.98
C LEU A 76 -4.49 -19.76 9.29
N GLN A 77 -3.17 -20.00 9.19
CA GLN A 77 -2.23 -20.12 10.32
C GLN A 77 -2.22 -18.80 11.07
N LYS A 78 -2.17 -17.67 10.33
CA LYS A 78 -2.18 -16.30 10.87
C LYS A 78 -3.55 -15.98 11.52
N LEU A 79 -4.66 -16.49 10.93
CA LEU A 79 -6.04 -16.29 11.42
C LEU A 79 -6.23 -16.96 12.78
N PHE A 80 -5.80 -18.23 12.88
CA PHE A 80 -5.87 -19.03 14.10
C PHE A 80 -4.96 -18.46 15.19
N ARG A 81 -3.85 -17.78 14.79
CA ARG A 81 -2.95 -17.11 15.72
C ARG A 81 -3.75 -15.94 16.34
N GLU A 82 -4.44 -15.13 15.50
CA GLU A 82 -5.26 -13.98 15.91
C GLU A 82 -6.32 -14.38 16.92
N VAL A 83 -7.13 -15.40 16.58
CA VAL A 83 -8.22 -15.93 17.43
C VAL A 83 -7.66 -16.36 18.78
N ARG A 84 -6.49 -17.04 18.80
CA ARG A 84 -5.77 -17.50 20.00
C ARG A 84 -5.28 -16.32 20.86
N ILE A 85 -4.82 -15.22 20.22
CA ILE A 85 -4.34 -14.02 20.93
C ILE A 85 -5.51 -13.23 21.51
N MET A 86 -6.49 -12.91 20.66
CA MET A 86 -7.71 -12.17 20.98
C MET A 86 -8.41 -12.66 22.25
N LYS A 87 -8.32 -13.98 22.49
CA LYS A 87 -8.90 -14.67 23.63
C LYS A 87 -8.21 -14.36 24.97
N VAL A 88 -6.87 -14.21 24.98
CA VAL A 88 -6.10 -13.95 26.21
C VAL A 88 -6.14 -12.47 26.68
N LEU A 89 -6.22 -11.50 25.76
CA LEU A 89 -6.23 -10.07 26.04
C LEU A 89 -7.54 -9.54 26.67
N ASN A 90 -7.40 -8.57 27.58
CA ASN A 90 -8.49 -7.89 28.28
C ASN A 90 -8.04 -6.48 28.73
N HIS A 91 -7.81 -5.59 27.74
CA HIS A 91 -7.36 -4.20 27.89
C HIS A 91 -8.46 -3.26 27.39
N PRO A 92 -8.75 -2.12 28.05
CA PRO A 92 -9.80 -1.21 27.56
C PRO A 92 -9.52 -0.53 26.23
N ASN A 93 -8.30 -0.71 25.67
CA ASN A 93 -7.85 -0.10 24.42
C ASN A 93 -7.51 -1.09 23.29
N ILE A 94 -7.90 -2.36 23.46
CA ILE A 94 -7.73 -3.44 22.49
C ILE A 94 -9.15 -3.96 22.28
N VAL A 95 -9.56 -4.19 21.01
CA VAL A 95 -10.93 -4.64 20.73
C VAL A 95 -11.16 -6.01 21.37
N LYS A 96 -12.20 -6.07 22.21
CA LYS A 96 -12.64 -7.25 22.92
C LYS A 96 -13.21 -8.23 21.92
N LEU A 97 -13.08 -9.51 22.22
CA LEU A 97 -13.68 -10.58 21.43
C LEU A 97 -14.78 -11.08 22.38
N PHE A 98 -15.96 -11.42 21.86
CA PHE A 98 -17.06 -11.92 22.68
C PHE A 98 -17.42 -13.34 22.35
N GLU A 99 -17.52 -13.67 21.05
CA GLU A 99 -17.89 -15.00 20.62
C GLU A 99 -17.15 -15.45 19.39
N VAL A 100 -16.95 -16.78 19.28
CA VAL A 100 -16.32 -17.44 18.14
C VAL A 100 -17.37 -18.45 17.63
N ILE A 101 -17.96 -18.20 16.46
CA ILE A 101 -18.96 -19.08 15.86
C ILE A 101 -18.25 -19.78 14.74
N GLU A 102 -18.04 -21.07 14.90
CA GLU A 102 -17.34 -21.84 13.89
C GLU A 102 -18.20 -22.80 13.12
N THR A 103 -18.00 -22.80 11.80
CA THR A 103 -18.62 -23.73 10.86
C THR A 103 -17.43 -24.30 10.06
N GLU A 104 -17.64 -25.36 9.27
CA GLU A 104 -16.56 -25.96 8.49
C GLU A 104 -15.88 -24.94 7.59
N LYS A 105 -16.68 -24.29 6.73
CA LYS A 105 -16.31 -23.33 5.70
C LYS A 105 -16.20 -21.85 6.15
N THR A 106 -16.99 -21.45 7.15
CA THR A 106 -17.04 -20.08 7.65
C THR A 106 -16.69 -19.94 9.12
N LEU A 107 -15.98 -18.87 9.46
CA LEU A 107 -15.62 -18.51 10.82
C LEU A 107 -16.18 -17.13 11.13
N TYR A 108 -16.91 -17.00 12.27
CA TYR A 108 -17.51 -15.73 12.71
C TYR A 108 -16.86 -15.26 14.01
N LEU A 109 -16.24 -14.09 13.99
CA LEU A 109 -15.59 -13.53 15.18
C LEU A 109 -16.38 -12.30 15.58
N VAL A 110 -16.97 -12.32 16.79
CA VAL A 110 -17.79 -11.22 17.30
C VAL A 110 -16.99 -10.32 18.22
N MET A 111 -16.68 -9.13 17.75
CA MET A 111 -15.88 -8.17 18.51
C MET A 111 -16.58 -6.87 18.79
N GLU A 112 -16.03 -6.09 19.75
CA GLU A 112 -16.64 -4.80 20.07
C GLU A 112 -16.48 -3.85 18.90
N TYR A 113 -17.57 -3.14 18.56
CA TYR A 113 -17.60 -2.20 17.46
C TYR A 113 -17.09 -0.81 17.94
N ALA A 114 -16.07 -0.25 17.26
CA ALA A 114 -15.48 1.05 17.59
C ALA A 114 -16.10 2.13 16.67
N SER A 115 -17.17 2.76 17.20
CA SER A 115 -18.04 3.79 16.63
C SER A 115 -17.36 4.99 15.98
N GLY A 116 -16.27 5.48 16.60
CA GLY A 116 -15.50 6.63 16.14
C GLY A 116 -14.90 6.51 14.75
N GLY A 117 -14.46 5.30 14.39
CA GLY A 117 -13.88 5.01 13.07
C GLY A 117 -12.38 4.86 13.07
N GLU A 118 -11.74 5.09 11.90
CA GLU A 118 -10.28 4.98 11.75
C GLU A 118 -9.58 6.22 12.24
N VAL A 119 -8.41 6.05 12.89
CA VAL A 119 -7.60 7.20 13.36
C VAL A 119 -7.05 7.86 12.08
N PHE A 120 -6.87 7.05 11.01
CA PHE A 120 -6.38 7.50 9.70
C PHE A 120 -7.31 8.58 9.13
N ASP A 121 -8.63 8.31 9.04
CA ASP A 121 -9.62 9.27 8.53
C ASP A 121 -9.69 10.51 9.39
N TYR A 122 -9.40 10.37 10.70
CA TYR A 122 -9.38 11.47 11.67
C TYR A 122 -8.16 12.36 11.38
N LEU A 123 -6.96 11.76 11.17
CA LEU A 123 -5.74 12.50 10.86
C LEU A 123 -5.88 13.18 9.49
N VAL A 124 -6.68 12.58 8.61
CA VAL A 124 -6.99 13.10 7.27
C VAL A 124 -7.92 14.33 7.41
N ALA A 125 -9.01 14.21 8.20
CA ALA A 125 -9.98 15.29 8.41
C ALA A 125 -9.48 16.42 9.34
N HIS A 126 -9.09 16.08 10.60
CA HIS A 126 -8.62 16.98 11.65
C HIS A 126 -7.25 17.63 11.33
N GLY A 127 -6.57 17.12 10.30
CA GLY A 127 -5.27 17.62 9.85
C GLY A 127 -4.10 16.89 10.49
N ARG A 128 -4.00 17.01 11.84
CA ARG A 128 -3.00 16.42 12.75
C ARG A 128 -3.52 16.54 14.19
N MET A 129 -2.78 16.00 15.17
CA MET A 129 -3.18 16.05 16.58
C MET A 129 -2.27 16.96 17.36
N LYS A 130 -2.83 17.72 18.30
CA LYS A 130 -2.04 18.59 19.16
C LYS A 130 -1.50 17.66 20.23
N GLU A 131 -0.21 17.79 20.59
CA GLU A 131 0.51 16.95 21.58
C GLU A 131 -0.31 16.52 22.81
N LYS A 132 -1.21 17.39 23.30
CA LYS A 132 -2.10 17.19 24.44
C LYS A 132 -3.10 16.05 24.13
N GLU A 133 -3.69 16.08 22.90
CA GLU A 133 -4.65 15.11 22.36
C GLU A 133 -3.93 13.82 22.03
N ALA A 134 -2.80 13.94 21.31
CA ALA A 134 -1.94 12.83 20.91
C ALA A 134 -1.49 12.06 22.15
N ARG A 135 -1.10 12.77 23.25
CA ARG A 135 -0.67 12.19 24.52
C ARG A 135 -1.69 11.24 25.09
N ALA A 136 -2.96 11.69 25.15
CA ALA A 136 -4.10 10.93 25.68
C ALA A 136 -4.30 9.62 24.95
N LYS A 137 -4.23 9.66 23.62
CA LYS A 137 -4.41 8.49 22.77
C LYS A 137 -3.14 7.60 22.77
N PHE A 138 -1.94 8.23 22.81
CA PHE A 138 -0.65 7.53 22.84
C PHE A 138 -0.40 6.79 24.12
N ARG A 139 -0.86 7.35 25.28
CA ARG A 139 -0.73 6.72 26.58
C ARG A 139 -1.38 5.33 26.49
N GLN A 140 -2.60 5.30 25.93
CA GLN A 140 -3.41 4.11 25.70
C GLN A 140 -2.71 3.14 24.76
N ILE A 141 -2.20 3.62 23.59
CA ILE A 141 -1.50 2.79 22.60
C ILE A 141 -0.34 2.05 23.27
N VAL A 142 0.56 2.79 23.95
CA VAL A 142 1.73 2.28 24.68
C VAL A 142 1.31 1.31 25.78
N SER A 143 0.24 1.64 26.54
CA SER A 143 -0.28 0.78 27.63
C SER A 143 -0.75 -0.56 27.11
N ALA A 144 -1.49 -0.55 25.97
CA ALA A 144 -2.07 -1.70 25.28
C ALA A 144 -1.01 -2.61 24.71
N VAL A 145 -0.05 -2.04 23.96
CA VAL A 145 1.06 -2.76 23.33
C VAL A 145 1.94 -3.41 24.39
N GLN A 146 2.24 -2.67 25.49
CA GLN A 146 3.05 -3.21 26.58
C GLN A 146 2.30 -4.38 27.26
N TYR A 147 0.97 -4.26 27.44
CA TYR A 147 0.14 -5.32 28.05
C TYR A 147 0.29 -6.62 27.26
N CYS A 148 0.40 -6.55 25.93
CA CYS A 148 0.61 -7.72 25.08
C CYS A 148 2.00 -8.30 25.39
N HIS A 149 2.97 -7.41 25.61
CA HIS A 149 4.36 -7.75 25.91
C HIS A 149 4.52 -8.44 27.27
N GLN A 150 3.65 -8.10 28.25
CA GLN A 150 3.63 -8.73 29.58
C GLN A 150 3.33 -10.22 29.40
N LYS A 151 2.50 -10.53 28.39
CA LYS A 151 2.04 -11.86 28.02
C LYS A 151 2.88 -12.49 26.91
N PHE A 152 4.02 -11.87 26.59
CA PHE A 152 4.95 -12.32 25.54
C PHE A 152 4.27 -12.44 24.17
N ILE A 153 3.50 -11.40 23.80
CA ILE A 153 2.79 -11.31 22.52
C ILE A 153 3.33 -10.06 21.82
N VAL A 154 3.82 -10.21 20.57
CA VAL A 154 4.32 -9.06 19.78
C VAL A 154 3.51 -8.93 18.48
N HIS A 155 2.88 -7.76 18.27
CA HIS A 155 2.03 -7.41 17.12
C HIS A 155 2.78 -7.55 15.78
N ARG A 156 4.09 -7.22 15.78
CA ARG A 156 5.02 -7.30 14.64
C ARG A 156 4.67 -6.35 13.48
N ASP A 157 3.41 -5.80 13.44
CA ASP A 157 2.96 -4.85 12.41
C ASP A 157 1.88 -3.89 12.93
N LEU A 158 2.32 -2.78 13.51
CA LEU A 158 1.48 -1.71 14.05
C LEU A 158 1.39 -0.65 12.96
N LYS A 159 0.17 -0.17 12.64
CA LYS A 159 -0.08 0.85 11.60
C LYS A 159 -1.16 1.85 12.05
N ALA A 160 -1.20 3.08 11.49
CA ALA A 160 -2.25 4.05 11.81
C ALA A 160 -3.62 3.58 11.22
N GLU A 161 -3.60 2.55 10.35
CA GLU A 161 -4.80 1.95 9.76
C GLU A 161 -4.93 0.50 10.27
N ASN A 162 -4.74 0.39 11.59
CA ASN A 162 -4.78 -0.80 12.43
C ASN A 162 -5.32 -0.25 13.79
N LEU A 163 -5.38 1.11 13.91
CA LEU A 163 -5.85 1.85 15.09
C LEU A 163 -7.26 2.39 14.85
N LEU A 164 -8.18 2.11 15.80
CA LEU A 164 -9.59 2.54 15.77
C LEU A 164 -9.93 3.47 16.94
N LEU A 165 -11.09 4.12 16.85
CA LEU A 165 -11.58 5.01 17.90
C LEU A 165 -12.97 4.60 18.29
N ASP A 166 -13.26 4.62 19.59
CA ASP A 166 -14.57 4.26 20.11
C ASP A 166 -15.45 5.49 20.13
N ALA A 167 -16.61 5.40 20.81
CA ALA A 167 -17.57 6.49 20.95
C ALA A 167 -16.94 7.74 21.59
N ASP A 168 -16.19 7.56 22.69
CA ASP A 168 -15.53 8.62 23.45
C ASP A 168 -14.09 8.95 22.99
N MET A 169 -13.78 8.70 21.71
CA MET A 169 -12.50 8.94 21.04
C MET A 169 -11.27 8.30 21.74
N ASN A 170 -11.45 7.09 22.30
CA ASN A 170 -10.39 6.32 22.95
C ASN A 170 -9.84 5.33 21.93
N ILE A 171 -8.53 5.07 21.96
CA ILE A 171 -7.90 4.12 21.04
C ILE A 171 -8.43 2.70 21.28
N LYS A 172 -8.64 1.95 20.19
CA LYS A 172 -9.09 0.57 20.23
C LYS A 172 -8.25 -0.12 19.18
N ILE A 173 -7.24 -0.87 19.59
CA ILE A 173 -6.36 -1.57 18.65
C ILE A 173 -7.14 -2.74 18.04
N ALA A 174 -7.27 -2.71 16.71
CA ALA A 174 -8.05 -3.65 15.93
C ALA A 174 -7.54 -5.08 15.95
N ASP A 175 -6.80 -5.52 14.91
CA ASP A 175 -6.40 -6.91 14.89
C ASP A 175 -4.97 -7.17 14.48
N PHE A 176 -4.62 -8.48 14.53
CA PHE A 176 -3.35 -9.13 14.23
C PHE A 176 -3.40 -9.90 12.88
N GLY A 177 -4.56 -9.84 12.20
CA GLY A 177 -4.90 -10.49 10.92
C GLY A 177 -3.82 -10.51 9.87
N SER A 194 2.24 -0.22 5.62
CA SER A 194 2.94 -1.27 6.37
C SER A 194 4.49 -1.10 6.41
N PRO A 195 5.26 -1.01 5.27
CA PRO A 195 6.73 -0.84 5.37
C PRO A 195 7.25 0.41 6.11
N PRO A 196 6.70 1.69 6.01
CA PRO A 196 7.30 2.79 6.78
C PRO A 196 7.30 2.58 8.31
N TYR A 197 6.48 1.62 8.78
CA TYR A 197 6.34 1.23 10.18
C TYR A 197 7.37 0.16 10.57
N ALA A 198 8.13 -0.39 9.60
CA ALA A 198 9.15 -1.41 9.85
C ALA A 198 10.44 -0.85 10.45
N ALA A 199 11.04 -1.64 11.36
CA ALA A 199 12.27 -1.39 12.12
C ALA A 199 13.52 -1.49 11.23
N PRO A 200 14.72 -0.97 11.63
CA PRO A 200 15.89 -1.07 10.74
C PRO A 200 16.33 -2.51 10.48
N GLU A 201 16.54 -3.30 11.55
CA GLU A 201 16.96 -4.70 11.46
C GLU A 201 15.97 -5.59 10.71
N LEU A 202 14.74 -5.08 10.47
CA LEU A 202 13.70 -5.79 9.72
C LEU A 202 14.02 -5.72 8.22
N PHE A 203 14.89 -4.79 7.83
CA PHE A 203 15.37 -4.62 6.46
C PHE A 203 16.70 -5.36 6.38
N GLN A 204 17.58 -5.13 7.38
CA GLN A 204 18.92 -5.68 7.54
C GLN A 204 18.97 -7.23 7.61
N GLY A 205 17.79 -7.83 7.66
CA GLY A 205 17.61 -9.28 7.71
C GLY A 205 17.96 -9.84 9.07
N LYS A 206 17.02 -9.70 10.04
CA LYS A 206 17.18 -10.14 11.42
C LYS A 206 15.85 -10.52 12.05
N ASP A 209 12.84 -10.07 15.72
CA ASP A 209 11.39 -10.29 15.53
C ASP A 209 10.56 -10.05 16.81
N GLY A 210 11.23 -9.93 17.96
CA GLY A 210 10.69 -9.73 19.31
C GLY A 210 10.04 -8.39 19.67
N PRO A 211 10.01 -8.03 20.98
CA PRO A 211 9.36 -6.77 21.39
C PRO A 211 10.04 -5.50 20.94
N GLU A 212 11.35 -5.55 20.67
CA GLU A 212 12.17 -4.42 20.21
C GLU A 212 11.62 -3.78 18.93
N VAL A 213 10.94 -4.58 18.10
CA VAL A 213 10.33 -4.24 16.82
C VAL A 213 9.13 -3.30 17.02
N ASP A 214 8.24 -3.64 17.99
CA ASP A 214 7.05 -2.89 18.36
C ASP A 214 7.36 -1.52 18.95
N VAL A 215 8.57 -1.35 19.52
CA VAL A 215 9.05 -0.10 20.10
C VAL A 215 9.34 0.86 18.95
N TRP A 216 9.95 0.38 17.84
CA TRP A 216 10.24 1.22 16.68
C TRP A 216 8.94 1.75 16.07
N SER A 217 7.98 0.84 15.77
CA SER A 217 6.65 1.11 15.19
C SER A 217 5.86 2.18 15.97
N LEU A 218 5.97 2.18 17.33
CA LEU A 218 5.31 3.15 18.22
C LEU A 218 5.89 4.53 18.05
N GLY A 219 7.19 4.61 17.74
CA GLY A 219 7.88 5.86 17.47
C GLY A 219 7.31 6.47 16.20
N VAL A 220 7.14 5.61 15.17
CA VAL A 220 6.54 5.95 13.88
C VAL A 220 5.11 6.46 14.18
N ILE A 221 4.26 5.63 14.86
CA ILE A 221 2.87 5.96 15.24
C ILE A 221 2.78 7.32 15.95
N LEU A 222 3.66 7.59 16.93
CA LEU A 222 3.69 8.85 17.70
C LEU A 222 3.95 10.03 16.80
N TYR A 223 4.93 9.90 15.90
CA TYR A 223 5.29 10.92 14.92
C TYR A 223 4.09 11.16 14.01
N THR A 224 3.50 10.05 13.49
CA THR A 224 2.32 10.03 12.62
C THR A 224 1.15 10.81 13.22
N LEU A 225 0.90 10.63 14.53
CA LEU A 225 -0.18 11.29 15.26
C LEU A 225 0.01 12.80 15.37
N VAL A 226 1.18 13.25 15.91
CA VAL A 226 1.51 14.68 16.12
C VAL A 226 1.75 15.51 14.84
N SER A 227 2.29 14.90 13.76
CA SER A 227 2.60 15.62 12.52
C SER A 227 1.61 15.41 11.36
N GLY A 228 0.93 14.28 11.35
CA GLY A 228 -0.02 13.93 10.29
C GLY A 228 0.65 13.18 9.15
N SER A 229 1.99 13.11 9.15
CA SER A 229 2.74 12.42 8.11
C SER A 229 3.62 11.28 8.65
N LEU A 230 4.26 10.54 7.73
CA LEU A 230 5.17 9.43 8.03
C LEU A 230 6.59 9.98 8.17
N PRO A 231 7.38 9.46 9.15
CA PRO A 231 8.74 10.00 9.34
C PRO A 231 9.72 9.65 8.23
N PHE A 232 9.57 8.46 7.61
CA PHE A 232 10.43 7.98 6.53
C PHE A 232 9.63 7.53 5.30
N ASP A 233 10.18 7.91 4.10
CA ASP A 233 9.69 7.62 2.74
C ASP A 233 10.84 7.46 1.73
N ASN A 236 8.51 2.65 -3.59
CA ASN A 236 9.76 2.78 -4.35
C ASN A 236 10.84 1.79 -3.92
N LEU A 237 10.98 1.56 -2.57
CA LEU A 237 11.99 0.74 -1.87
C LEU A 237 13.34 1.44 -2.04
N LYS A 238 14.38 1.04 -1.28
CA LYS A 238 15.72 1.63 -1.32
C LYS A 238 15.75 3.04 -0.73
N GLU A 239 14.83 3.93 -1.16
CA GLU A 239 14.68 5.30 -0.69
C GLU A 239 14.14 5.23 0.74
N LEU A 240 13.19 4.32 0.98
CA LEU A 240 12.57 4.05 2.28
C LEU A 240 13.58 3.27 3.09
N ARG A 241 14.23 2.25 2.48
CA ARG A 241 15.25 1.40 3.08
C ARG A 241 16.40 2.26 3.60
N GLU A 242 16.84 3.28 2.83
CA GLU A 242 17.93 4.19 3.19
C GLU A 242 17.53 5.18 4.28
N ARG A 243 16.37 5.87 4.13
CA ARG A 243 15.87 6.86 5.08
C ARG A 243 15.58 6.25 6.45
N VAL A 244 15.09 4.99 6.49
CA VAL A 244 14.81 4.24 7.72
C VAL A 244 16.16 3.87 8.34
N LEU A 245 17.13 3.38 7.51
CA LEU A 245 18.45 2.99 7.98
C LEU A 245 19.30 4.17 8.45
N ARG A 246 19.09 5.37 7.88
CA ARG A 246 19.82 6.57 8.29
C ARG A 246 19.36 6.88 9.71
N GLY A 247 18.06 6.85 9.91
CA GLY A 247 17.43 7.12 11.20
C GLY A 247 16.91 8.53 11.28
N LYS A 248 17.53 9.43 10.53
CA LYS A 248 17.20 10.85 10.46
C LYS A 248 15.84 11.05 9.79
N TYR A 249 14.90 11.62 10.55
CA TYR A 249 13.52 11.92 10.16
C TYR A 249 13.36 13.44 10.23
N ARG A 250 12.40 14.00 9.49
CA ARG A 250 12.19 15.44 9.50
C ARG A 250 11.49 15.88 10.78
N ILE A 251 12.11 16.77 11.60
CA ILE A 251 11.48 17.25 12.84
C ILE A 251 10.58 18.46 12.50
N PRO A 252 9.23 18.35 12.62
CA PRO A 252 8.35 19.50 12.28
C PRO A 252 8.51 20.70 13.20
N PHE A 253 8.51 21.92 12.63
CA PHE A 253 8.71 23.18 13.34
C PHE A 253 7.92 23.36 14.64
N TYR A 254 6.68 22.83 14.68
CA TYR A 254 5.79 22.95 15.83
C TYR A 254 6.06 21.96 16.96
N MET A 255 6.87 20.90 16.70
CA MET A 255 7.18 19.89 17.70
C MET A 255 7.96 20.42 18.93
N SER A 256 7.63 19.91 20.11
CA SER A 256 8.30 20.30 21.35
C SER A 256 9.58 19.49 21.53
N THR A 257 10.51 20.03 22.33
CA THR A 257 11.80 19.40 22.70
C THR A 257 11.48 18.09 23.41
N ASP A 258 10.38 18.14 24.21
CA ASP A 258 9.74 17.11 25.02
C ASP A 258 9.40 15.89 24.15
N CYS A 259 8.61 16.13 23.11
CA CYS A 259 8.12 15.15 22.16
C CYS A 259 9.23 14.52 21.32
N GLU A 260 10.25 15.32 20.96
CA GLU A 260 11.39 14.87 20.18
C GLU A 260 12.28 13.90 20.97
N ASN A 261 12.39 14.12 22.30
CA ASN A 261 13.17 13.27 23.23
C ASN A 261 12.56 11.88 23.30
N LEU A 262 11.23 11.82 23.33
CA LEU A 262 10.47 10.59 23.38
C LEU A 262 10.65 9.83 22.09
N LEU A 263 10.64 10.56 20.96
CA LEU A 263 10.83 9.97 19.64
C LEU A 263 12.19 9.31 19.59
N LYS A 264 13.19 9.95 20.22
CA LYS A 264 14.56 9.45 20.34
C LYS A 264 14.62 8.18 21.16
N LYS A 265 13.69 8.02 22.14
CA LYS A 265 13.65 6.83 22.98
C LYS A 265 13.18 5.61 22.19
N PHE A 266 12.33 5.85 21.16
CA PHE A 266 11.75 4.82 20.29
C PHE A 266 12.60 4.54 19.07
N LEU A 267 12.75 5.56 18.23
CA LEU A 267 13.48 5.47 16.97
C LEU A 267 15.01 5.46 17.13
N ILE A 268 15.55 4.29 17.53
CA ILE A 268 16.98 4.03 17.74
C ILE A 268 17.37 2.91 16.76
N LEU A 269 18.41 3.14 15.93
CA LEU A 269 18.87 2.15 14.93
C LEU A 269 19.24 0.79 15.51
N ASN A 270 19.97 0.78 16.64
CA ASN A 270 20.40 -0.47 17.28
C ASN A 270 19.21 -1.14 17.96
N PRO A 271 18.84 -2.40 17.55
CA PRO A 271 17.68 -3.07 18.20
C PRO A 271 17.93 -3.43 19.65
N SER A 272 19.20 -3.68 19.95
CA SER A 272 19.77 -4.06 21.25
C SER A 272 19.87 -2.85 22.21
N LYS A 273 19.94 -1.60 21.66
CA LYS A 273 20.01 -0.35 22.41
C LYS A 273 18.65 0.37 22.56
N ARG A 274 17.57 -0.19 22.00
CA ARG A 274 16.23 0.40 22.10
C ARG A 274 15.66 0.08 23.47
N GLY A 275 15.13 1.11 24.12
CA GLY A 275 14.53 1.01 25.45
C GLY A 275 13.30 0.11 25.50
N THR A 276 12.93 -0.36 26.70
CA THR A 276 11.74 -1.21 26.87
C THR A 276 10.52 -0.30 26.98
N LEU A 277 9.31 -0.85 26.82
CA LEU A 277 8.12 -0.01 26.93
C LEU A 277 7.87 0.43 28.36
N GLU A 278 8.39 -0.34 29.34
CA GLU A 278 8.27 -0.03 30.76
C GLU A 278 9.16 1.14 31.10
N GLN A 279 10.37 1.20 30.53
CA GLN A 279 11.21 2.35 30.83
C GLN A 279 10.74 3.60 30.04
N ILE A 280 10.17 3.43 28.83
CA ILE A 280 9.64 4.54 28.04
C ILE A 280 8.37 5.13 28.68
N MET A 281 7.62 4.32 29.46
CA MET A 281 6.40 4.76 30.13
C MET A 281 6.61 5.89 31.15
N LYS A 282 7.80 5.94 31.75
CA LYS A 282 8.22 6.93 32.75
C LYS A 282 8.72 8.27 32.14
N ASP A 283 8.72 8.38 30.78
CA ASP A 283 9.15 9.58 30.06
C ASP A 283 8.27 10.78 30.39
N ARG A 284 8.91 11.96 30.53
CA ARG A 284 8.27 13.24 30.85
C ARG A 284 7.06 13.55 29.95
N TRP A 285 7.23 13.54 28.61
CA TRP A 285 6.13 13.79 27.67
C TRP A 285 4.96 12.87 27.92
N MET A 286 5.21 11.60 28.27
CA MET A 286 4.16 10.63 28.54
C MET A 286 3.27 11.02 29.73
N ASN A 287 3.83 11.79 30.73
CA ASN A 287 3.11 12.17 31.96
C ASN A 287 2.82 13.69 32.16
N VAL A 288 2.75 14.48 31.07
CA VAL A 288 2.45 15.91 31.15
C VAL A 288 0.92 16.07 31.38
N GLY A 289 0.56 16.41 32.61
CA GLY A 289 -0.83 16.58 33.02
C GLY A 289 -1.35 15.32 33.69
N HIS A 290 -0.40 14.43 34.03
CA HIS A 290 -0.56 13.13 34.69
C HIS A 290 0.62 12.98 35.65
N GLU A 291 0.81 13.99 36.52
CA GLU A 291 1.91 14.03 37.50
C GLU A 291 1.70 13.02 38.62
N ASP A 292 0.49 12.99 39.21
CA ASP A 292 0.13 12.05 40.29
C ASP A 292 -0.13 10.64 39.74
N ASP A 293 -0.66 10.55 38.50
CA ASP A 293 -0.97 9.31 37.80
C ASP A 293 0.03 9.01 36.67
N GLU A 294 1.24 8.56 37.05
CA GLU A 294 2.30 8.20 36.11
C GLU A 294 1.87 6.91 35.38
N LEU A 295 2.22 6.78 34.08
CA LEU A 295 1.87 5.60 33.28
C LEU A 295 2.69 4.40 33.77
N LYS A 296 1.96 3.35 34.19
CA LYS A 296 2.54 2.10 34.69
C LYS A 296 2.07 0.92 33.84
N PRO A 297 2.81 -0.23 33.79
CA PRO A 297 2.33 -1.37 33.00
C PRO A 297 0.90 -1.75 33.39
N TYR A 298 0.04 -1.93 32.37
CA TYR A 298 -1.37 -2.24 32.54
C TYR A 298 -1.71 -3.16 33.72
N VAL A 299 -2.66 -2.66 34.50
CA VAL A 299 -3.29 -3.18 35.71
C VAL A 299 -3.69 -4.68 35.58
N GLU A 300 -4.63 -4.97 34.65
CA GLU A 300 -5.31 -6.24 34.33
C GLU A 300 -6.26 -6.54 35.49
N PRO A 301 -7.59 -6.36 35.29
CA PRO A 301 -8.51 -6.59 36.41
C PRO A 301 -8.71 -8.07 36.73
N LEU A 302 -9.02 -8.36 38.01
CA LEU A 302 -9.24 -9.72 38.46
C LEU A 302 -10.56 -10.27 37.89
N PRO A 303 -10.68 -11.59 37.71
CA PRO A 303 -11.89 -12.15 37.09
C PRO A 303 -13.16 -12.14 37.93
N ASP A 304 -14.24 -11.55 37.37
CA ASP A 304 -15.54 -11.54 38.01
C ASP A 304 -16.41 -12.47 37.18
N TYR A 305 -16.24 -13.76 37.39
CA TYR A 305 -17.00 -14.77 36.66
C TYR A 305 -18.35 -15.09 37.31
N LYS A 306 -18.64 -14.48 38.49
CA LYS A 306 -19.88 -14.74 39.24
C LYS A 306 -20.68 -13.48 39.60
N ASP A 307 -20.85 -12.53 38.65
CA ASP A 307 -21.65 -11.32 38.88
C ASP A 307 -23.09 -11.75 39.09
N PRO A 308 -23.73 -11.39 40.22
CA PRO A 308 -25.12 -11.83 40.48
C PRO A 308 -26.19 -11.26 39.54
N ARG A 309 -26.03 -9.98 39.15
CA ARG A 309 -26.93 -9.24 38.25
C ARG A 309 -27.09 -9.96 36.89
N ARG A 310 -25.94 -10.30 36.27
CA ARG A 310 -25.84 -10.97 34.99
C ARG A 310 -26.19 -12.44 35.03
N THR A 311 -25.83 -13.16 36.13
CA THR A 311 -26.09 -14.59 36.28
C THR A 311 -27.59 -14.83 36.49
N GLU A 312 -28.32 -13.93 37.21
CA GLU A 312 -29.76 -14.09 37.41
C GLU A 312 -30.49 -13.89 36.08
N LEU A 313 -30.02 -12.90 35.29
CA LEU A 313 -30.59 -12.64 33.98
C LEU A 313 -30.31 -13.77 33.03
N MET A 314 -29.13 -14.40 33.16
CA MET A 314 -28.74 -15.52 32.32
C MET A 314 -29.47 -16.80 32.69
N VAL A 315 -29.62 -17.10 33.99
CA VAL A 315 -30.33 -18.29 34.45
C VAL A 315 -31.81 -18.20 34.02
N SER A 316 -32.34 -16.96 33.93
CA SER A 316 -33.70 -16.63 33.49
C SER A 316 -33.84 -16.96 31.99
N MET A 317 -32.73 -16.81 31.21
CA MET A 317 -32.63 -17.08 29.77
C MET A 317 -32.55 -18.58 29.43
N GLY A 318 -32.46 -19.43 30.45
CA GLY A 318 -32.38 -20.88 30.27
C GLY A 318 -30.98 -21.44 30.40
N TYR A 319 -30.04 -20.58 30.81
CA TYR A 319 -28.65 -20.98 31.00
C TYR A 319 -28.50 -21.55 32.41
N THR A 320 -27.71 -22.62 32.55
CA THR A 320 -27.48 -23.24 33.87
C THR A 320 -26.33 -22.49 34.53
N ARG A 321 -26.41 -22.28 35.84
CA ARG A 321 -25.36 -21.58 36.61
C ARG A 321 -23.96 -22.20 36.41
N GLU A 322 -23.93 -23.53 36.23
CA GLU A 322 -22.72 -24.33 36.04
C GLU A 322 -22.14 -24.10 34.66
N GLU A 323 -22.99 -23.97 33.62
CA GLU A 323 -22.50 -23.75 32.25
C GLU A 323 -21.96 -22.31 32.09
N ILE A 324 -22.49 -21.36 32.88
CA ILE A 324 -22.07 -19.97 32.90
C ILE A 324 -20.64 -19.94 33.49
N GLN A 325 -20.41 -20.67 34.57
CA GLN A 325 -19.12 -20.77 35.24
C GLN A 325 -18.08 -21.52 34.39
N ASP A 326 -18.44 -22.71 33.88
CA ASP A 326 -17.54 -23.55 33.07
C ASP A 326 -17.04 -22.82 31.81
N SER A 327 -17.95 -22.12 31.10
CA SER A 327 -17.65 -21.35 29.88
C SER A 327 -16.63 -20.22 30.11
N LEU A 328 -16.74 -19.53 31.24
CA LEU A 328 -15.83 -18.44 31.58
C LEU A 328 -14.50 -18.96 32.11
N VAL A 329 -14.51 -19.95 33.02
CA VAL A 329 -13.28 -20.55 33.56
C VAL A 329 -12.52 -21.19 32.38
N GLY A 330 -13.25 -21.96 31.56
CA GLY A 330 -12.74 -22.63 30.37
C GLY A 330 -12.43 -21.68 29.22
N GLN A 331 -12.86 -20.38 29.36
CA GLN A 331 -12.70 -19.27 28.40
C GLN A 331 -13.05 -19.72 26.98
N ARG A 332 -14.20 -20.39 26.88
CA ARG A 332 -14.71 -21.02 25.66
C ARG A 332 -15.17 -20.05 24.53
N TYR A 333 -15.53 -18.78 24.86
CA TYR A 333 -16.03 -17.77 23.91
C TYR A 333 -17.19 -18.32 23.09
N ASN A 334 -18.09 -19.01 23.79
CA ASN A 334 -19.29 -19.61 23.22
C ASN A 334 -20.46 -18.63 23.40
N GLU A 335 -21.70 -19.06 23.13
CA GLU A 335 -22.87 -18.20 23.25
C GLU A 335 -23.17 -17.82 24.69
N VAL A 336 -22.71 -18.65 25.65
CA VAL A 336 -22.86 -18.40 27.08
C VAL A 336 -21.93 -17.23 27.45
N MET A 337 -20.60 -17.39 27.17
CA MET A 337 -19.56 -16.40 27.44
C MET A 337 -19.91 -15.05 26.80
N ALA A 338 -20.30 -15.04 25.50
CA ALA A 338 -20.68 -13.83 24.76
C ALA A 338 -21.77 -13.07 25.50
N THR A 339 -22.91 -13.75 25.81
CA THR A 339 -24.09 -13.22 26.54
C THR A 339 -23.68 -12.54 27.86
N TYR A 340 -22.78 -13.18 28.64
CA TYR A 340 -22.26 -12.69 29.93
C TYR A 340 -21.42 -11.41 29.78
N LEU A 341 -20.39 -11.44 28.91
CA LEU A 341 -19.51 -10.30 28.69
C LEU A 341 -20.27 -9.07 28.23
N LEU A 342 -21.23 -9.27 27.27
CA LEU A 342 -22.07 -8.22 26.69
C LEU A 342 -23.05 -7.63 27.69
N LEU A 343 -23.58 -8.47 28.62
CA LEU A 343 -24.52 -8.09 29.67
C LEU A 343 -23.88 -7.09 30.63
N GLY A 344 -22.55 -7.07 30.64
CA GLY A 344 -21.72 -6.19 31.43
C GLY A 344 -21.27 -5.00 30.61
N TYR A 345 -22.25 -4.14 30.28
CA TYR A 345 -22.10 -2.91 29.50
C TYR A 345 -23.19 -1.90 29.87
N PRO B 30 -12.45 26.66 -18.29
CA PRO B 30 -11.92 25.30 -18.47
C PRO B 30 -10.48 25.28 -18.99
N HIS B 31 -10.08 26.33 -19.72
CA HIS B 31 -8.77 26.55 -20.33
C HIS B 31 -7.57 26.54 -19.38
N ILE B 32 -6.38 26.67 -19.98
CA ILE B 32 -5.04 26.74 -19.39
C ILE B 32 -4.14 27.22 -20.53
N GLY B 33 -3.76 26.29 -21.41
CA GLY B 33 -2.96 26.55 -22.60
C GLY B 33 -3.87 26.23 -23.76
N ASN B 34 -3.38 25.43 -24.70
CA ASN B 34 -4.13 24.98 -25.86
C ASN B 34 -5.16 23.91 -25.43
N TYR B 35 -5.40 23.74 -24.11
CA TYR B 35 -6.28 22.68 -23.61
C TYR B 35 -7.49 23.16 -22.84
N ARG B 36 -8.62 22.41 -22.98
CA ARG B 36 -9.93 22.62 -22.34
C ARG B 36 -10.11 21.44 -21.39
N LEU B 37 -9.98 21.68 -20.08
CA LEU B 37 -10.08 20.62 -19.08
C LEU B 37 -11.46 20.02 -19.01
N LEU B 38 -11.51 18.69 -19.00
CA LEU B 38 -12.74 17.90 -18.94
C LEU B 38 -12.83 17.23 -17.55
N LYS B 39 -12.85 15.88 -17.47
CA LYS B 39 -12.92 15.11 -16.23
C LYS B 39 -11.62 15.19 -15.38
N THR B 40 -11.61 14.55 -14.21
CA THR B 40 -10.47 14.46 -13.29
C THR B 40 -10.28 12.96 -13.06
N ILE B 41 -9.53 12.31 -13.99
CA ILE B 41 -9.27 10.86 -13.97
C ILE B 41 -8.43 10.40 -12.75
N GLY B 42 -7.99 11.34 -11.93
CA GLY B 42 -7.19 11.08 -10.74
C GLY B 42 -6.83 12.32 -9.95
N LYS B 43 -6.69 12.14 -8.63
CA LYS B 43 -6.34 13.22 -7.70
C LYS B 43 -5.37 12.69 -6.68
N GLY B 44 -4.81 13.58 -5.86
CA GLY B 44 -3.87 13.20 -4.83
C GLY B 44 -3.20 14.34 -4.13
N ASN B 45 -2.05 14.02 -3.51
CA ASN B 45 -1.23 14.97 -2.75
C ASN B 45 -0.40 15.82 -3.71
N PHE B 46 -0.72 17.14 -3.76
CA PHE B 46 -0.05 18.18 -4.57
C PHE B 46 0.04 17.87 -6.10
N ALA B 47 -0.53 16.74 -6.58
CA ALA B 47 -0.52 16.36 -7.99
C ALA B 47 -1.87 15.76 -8.39
N LYS B 48 -2.46 16.24 -9.50
CA LYS B 48 -3.75 15.77 -9.99
C LYS B 48 -3.78 15.71 -11.53
N VAL B 49 -4.27 14.57 -12.06
CA VAL B 49 -4.38 14.28 -13.50
C VAL B 49 -5.79 14.56 -13.97
N LYS B 50 -5.91 15.44 -14.96
CA LYS B 50 -7.19 15.81 -15.56
C LYS B 50 -7.23 15.46 -17.04
N LEU B 51 -8.34 14.84 -17.49
CA LEU B 51 -8.52 14.50 -18.89
C LEU B 51 -8.81 15.84 -19.58
N ALA B 52 -8.14 16.12 -20.71
CA ALA B 52 -8.31 17.39 -21.43
C ALA B 52 -8.44 17.18 -22.94
N ARG B 53 -8.65 18.29 -23.66
CA ARG B 53 -8.78 18.27 -25.11
C ARG B 53 -7.85 19.33 -25.74
N HIS B 54 -6.94 18.91 -26.67
CA HIS B 54 -6.10 19.86 -27.37
C HIS B 54 -7.06 20.55 -28.31
N ILE B 55 -7.41 21.80 -27.98
CA ILE B 55 -8.39 22.61 -28.69
C ILE B 55 -8.13 22.67 -30.23
N LEU B 56 -6.88 22.95 -30.66
CA LEU B 56 -6.50 23.04 -32.08
C LEU B 56 -6.65 21.77 -32.90
N THR B 57 -6.43 20.59 -32.31
CA THR B 57 -6.47 19.29 -33.00
C THR B 57 -7.70 18.41 -32.62
N GLY B 58 -8.39 18.76 -31.54
CA GLY B 58 -9.53 18.01 -31.02
C GLY B 58 -9.13 16.72 -30.35
N LYS B 59 -7.80 16.51 -30.13
CA LYS B 59 -7.21 15.30 -29.54
C LYS B 59 -7.39 15.19 -28.03
N GLU B 60 -7.53 13.96 -27.52
CA GLU B 60 -7.68 13.73 -26.08
C GLU B 60 -6.33 13.48 -25.44
N VAL B 61 -6.08 14.16 -24.33
CA VAL B 61 -4.84 14.08 -23.56
C VAL B 61 -5.15 14.00 -22.08
N ALA B 62 -4.13 13.68 -21.28
CA ALA B 62 -4.21 13.63 -19.82
C ALA B 62 -3.14 14.59 -19.30
N VAL B 63 -3.56 15.66 -18.60
CA VAL B 63 -2.69 16.70 -18.05
C VAL B 63 -2.36 16.46 -16.57
N LYS B 64 -1.06 16.19 -16.28
CA LYS B 64 -0.55 15.96 -14.92
C LYS B 64 -0.26 17.35 -14.34
N ILE B 65 -1.13 17.83 -13.43
CA ILE B 65 -0.99 19.16 -12.82
C ILE B 65 -0.33 19.04 -11.43
N ILE B 66 0.93 19.47 -11.34
CA ILE B 66 1.76 19.40 -10.14
C ILE B 66 1.92 20.77 -9.48
N ASP B 67 1.69 20.84 -8.16
CA ASP B 67 1.86 22.04 -7.35
C ASP B 67 3.18 21.86 -6.60
N LYS B 68 4.24 22.51 -7.11
CA LYS B 68 5.61 22.47 -6.63
C LYS B 68 5.82 23.17 -5.28
N THR B 69 4.88 24.05 -4.86
CA THR B 69 4.98 24.75 -3.58
C THR B 69 4.98 23.76 -2.40
N GLN B 70 4.13 22.71 -2.49
CA GLN B 70 3.99 21.71 -1.45
C GLN B 70 4.78 20.41 -1.74
N LEU B 71 5.69 20.41 -2.73
CA LEU B 71 6.54 19.26 -3.00
C LEU B 71 7.80 19.39 -2.15
N ASN B 72 8.24 18.29 -1.55
CA ASN B 72 9.42 18.23 -0.69
C ASN B 72 10.73 18.18 -1.48
N SER B 73 11.87 18.32 -0.76
CA SER B 73 13.27 18.31 -1.22
C SER B 73 13.56 17.22 -2.29
N SER B 74 13.30 15.96 -1.91
CA SER B 74 13.50 14.76 -2.73
C SER B 74 12.52 14.71 -3.92
N SER B 75 11.20 14.85 -3.66
CA SER B 75 10.13 14.79 -4.65
C SER B 75 10.32 15.65 -5.90
N LEU B 76 10.89 16.85 -5.76
CA LEU B 76 11.12 17.75 -6.88
C LEU B 76 12.25 17.25 -7.77
N GLN B 77 13.32 16.70 -7.15
CA GLN B 77 14.49 16.13 -7.84
C GLN B 77 14.02 14.96 -8.73
N LYS B 78 13.11 14.11 -8.20
CA LYS B 78 12.57 12.96 -8.93
C LYS B 78 11.54 13.38 -9.99
N LEU B 79 10.89 14.56 -9.83
CA LEU B 79 9.94 15.12 -10.80
C LEU B 79 10.69 15.62 -12.03
N PHE B 80 11.78 16.37 -11.79
CA PHE B 80 12.64 16.92 -12.85
C PHE B 80 13.36 15.80 -13.61
N ARG B 81 13.61 14.66 -12.94
CA ARG B 81 14.21 13.44 -13.49
C ARG B 81 13.20 12.86 -14.52
N GLU B 82 11.90 12.80 -14.12
CA GLU B 82 10.79 12.30 -14.93
C GLU B 82 10.64 13.11 -16.20
N VAL B 83 10.52 14.45 -16.06
CA VAL B 83 10.36 15.39 -17.19
C VAL B 83 11.52 15.23 -18.20
N ARG B 84 12.77 15.10 -17.68
CA ARG B 84 13.98 14.90 -18.47
C ARG B 84 13.97 13.55 -19.20
N ILE B 85 13.45 12.49 -18.56
CA ILE B 85 13.38 11.14 -19.15
C ILE B 85 12.28 11.08 -20.22
N MET B 86 11.05 11.41 -19.85
CA MET B 86 9.91 11.39 -20.77
C MET B 86 10.21 12.08 -22.14
N LYS B 87 11.05 13.15 -22.13
CA LYS B 87 11.44 13.90 -23.32
C LYS B 87 12.28 13.08 -24.34
N VAL B 88 13.17 12.18 -23.83
CA VAL B 88 14.09 11.33 -24.63
C VAL B 88 13.44 10.08 -25.24
N LEU B 89 12.47 9.47 -24.51
CA LEU B 89 11.77 8.25 -24.94
C LEU B 89 10.76 8.45 -26.09
N ASN B 90 10.68 7.45 -26.99
CA ASN B 90 9.77 7.41 -28.14
C ASN B 90 9.48 5.96 -28.56
N HIS B 91 8.69 5.28 -27.70
CA HIS B 91 8.27 3.89 -27.82
C HIS B 91 6.74 3.87 -27.83
N PRO B 92 6.11 3.01 -28.66
CA PRO B 92 4.64 2.94 -28.71
C PRO B 92 3.94 2.38 -27.45
N ASN B 93 4.72 1.91 -26.45
CA ASN B 93 4.21 1.31 -25.22
C ASN B 93 4.60 2.06 -23.93
N ILE B 94 5.11 3.29 -24.07
CA ILE B 94 5.48 4.20 -22.99
C ILE B 94 4.65 5.44 -23.27
N VAL B 95 4.01 6.04 -22.24
CA VAL B 95 3.17 7.23 -22.46
C VAL B 95 4.03 8.39 -22.98
N LYS B 96 3.65 8.88 -24.17
CA LYS B 96 4.33 9.97 -24.85
C LYS B 96 4.00 11.28 -24.12
N LEU B 97 4.95 12.21 -24.10
CA LEU B 97 4.80 13.54 -23.52
C LEU B 97 4.64 14.44 -24.75
N PHE B 98 3.77 15.44 -24.67
CA PHE B 98 3.54 16.36 -25.78
C PHE B 98 3.94 17.77 -25.46
N GLU B 99 3.57 18.26 -24.26
CA GLU B 99 3.87 19.62 -23.85
C GLU B 99 4.24 19.73 -22.40
N VAL B 100 5.09 20.70 -22.08
CA VAL B 100 5.52 21.02 -20.72
C VAL B 100 5.16 22.51 -20.54
N ILE B 101 4.15 22.78 -19.69
CA ILE B 101 3.71 24.14 -19.40
C ILE B 101 4.23 24.45 -18.03
N GLU B 102 5.21 25.32 -17.94
CA GLU B 102 5.83 25.66 -16.68
C GLU B 102 5.47 27.03 -16.16
N THR B 103 5.12 27.08 -14.88
CA THR B 103 4.87 28.32 -14.15
C THR B 103 5.77 28.16 -12.90
N GLU B 104 5.99 29.24 -12.15
CA GLU B 104 6.83 29.19 -10.96
C GLU B 104 6.33 28.13 -9.98
N LYS B 105 5.01 28.15 -9.66
CA LYS B 105 4.43 27.21 -8.69
C LYS B 105 3.85 25.95 -9.30
N THR B 106 3.16 26.04 -10.46
CA THR B 106 2.51 24.88 -11.07
C THR B 106 3.13 24.42 -12.38
N LEU B 107 3.49 23.13 -12.42
CA LEU B 107 4.04 22.47 -13.60
C LEU B 107 2.94 21.58 -14.23
N TYR B 108 2.71 21.74 -15.55
CA TYR B 108 1.71 21.01 -16.33
C TYR B 108 2.39 20.10 -17.34
N LEU B 109 2.16 18.78 -17.23
CA LEU B 109 2.76 17.82 -18.15
C LEU B 109 1.62 17.22 -18.95
N VAL B 110 1.65 17.40 -20.28
CA VAL B 110 0.61 16.91 -21.20
C VAL B 110 1.03 15.61 -21.83
N MET B 111 0.40 14.51 -21.40
CA MET B 111 0.72 13.18 -21.90
C MET B 111 -0.42 12.48 -22.57
N GLU B 112 -0.11 11.41 -23.32
CA GLU B 112 -1.16 10.66 -23.98
C GLU B 112 -2.04 9.96 -22.95
N TYR B 113 -3.36 10.03 -23.14
CA TYR B 113 -4.35 9.43 -22.26
C TYR B 113 -4.60 7.97 -22.71
N ALA B 114 -4.43 7.02 -21.79
CA ALA B 114 -4.63 5.59 -22.01
C ALA B 114 -6.04 5.19 -21.53
N SER B 115 -7.02 5.19 -22.48
CA SER B 115 -8.47 4.92 -22.32
C SER B 115 -8.86 3.60 -21.69
N GLY B 116 -8.09 2.56 -21.97
CA GLY B 116 -8.36 1.24 -21.41
C GLY B 116 -8.41 1.20 -19.89
N GLY B 117 -7.53 1.97 -19.24
CA GLY B 117 -7.45 2.06 -17.79
C GLY B 117 -6.27 1.35 -17.19
N GLU B 118 -6.38 0.95 -15.92
CA GLU B 118 -5.32 0.23 -15.20
C GLU B 118 -5.35 -1.24 -15.54
N VAL B 119 -4.17 -1.87 -15.66
CA VAL B 119 -4.07 -3.32 -15.92
C VAL B 119 -4.55 -4.00 -14.62
N PHE B 120 -4.41 -3.28 -13.47
CA PHE B 120 -4.79 -3.61 -12.10
C PHE B 120 -6.28 -3.96 -12.07
N ASP B 121 -7.14 -3.05 -12.54
CA ASP B 121 -8.58 -3.18 -12.59
C ASP B 121 -9.02 -4.24 -13.56
N TYR B 122 -8.23 -4.47 -14.62
CA TYR B 122 -8.48 -5.49 -15.65
C TYR B 122 -8.25 -6.88 -15.04
N LEU B 123 -7.12 -7.08 -14.31
CA LEU B 123 -6.81 -8.34 -13.65
C LEU B 123 -7.83 -8.63 -12.54
N VAL B 124 -8.40 -7.55 -11.95
CA VAL B 124 -9.43 -7.62 -10.93
C VAL B 124 -10.75 -8.06 -11.57
N ALA B 125 -11.16 -7.43 -12.68
CA ALA B 125 -12.42 -7.72 -13.39
C ALA B 125 -12.40 -8.99 -14.22
N HIS B 126 -11.57 -9.04 -15.27
CA HIS B 126 -11.49 -10.19 -16.17
C HIS B 126 -10.91 -11.43 -15.52
N GLY B 127 -10.29 -11.24 -14.36
CA GLY B 127 -9.61 -12.30 -13.63
C GLY B 127 -8.21 -12.35 -14.23
N ARG B 128 -7.50 -13.47 -14.10
CA ARG B 128 -6.16 -13.59 -14.68
C ARG B 128 -6.15 -13.51 -16.26
N MET B 129 -4.95 -13.44 -16.86
CA MET B 129 -4.76 -13.40 -18.31
C MET B 129 -4.30 -14.76 -18.79
N LYS B 130 -4.78 -15.17 -19.95
CA LYS B 130 -4.36 -16.44 -20.53
C LYS B 130 -3.02 -16.14 -21.19
N GLU B 131 -2.01 -17.04 -21.04
CA GLU B 131 -0.64 -16.90 -21.55
C GLU B 131 -0.52 -16.23 -22.93
N LYS B 132 -1.47 -16.49 -23.84
CA LYS B 132 -1.56 -15.95 -25.20
C LYS B 132 -1.77 -14.42 -25.18
N GLU B 133 -2.68 -13.96 -24.28
CA GLU B 133 -3.03 -12.55 -24.06
C GLU B 133 -1.89 -11.88 -23.30
N ALA B 134 -1.42 -12.53 -22.21
CA ALA B 134 -0.32 -12.06 -21.38
C ALA B 134 0.92 -11.87 -22.24
N ARG B 135 1.22 -12.80 -23.17
CA ARG B 135 2.36 -12.74 -24.10
C ARG B 135 2.39 -11.46 -24.89
N ALA B 136 1.24 -11.12 -25.51
CA ALA B 136 1.04 -9.92 -26.33
C ALA B 136 1.37 -8.64 -25.56
N LYS B 137 0.89 -8.54 -24.31
CA LYS B 137 1.10 -7.40 -23.42
C LYS B 137 2.55 -7.39 -22.95
N PHE B 138 3.06 -8.58 -22.51
CA PHE B 138 4.40 -8.76 -21.97
C PHE B 138 5.50 -8.48 -22.95
N ARG B 139 5.29 -8.81 -24.24
CA ARG B 139 6.27 -8.55 -25.30
C ARG B 139 6.55 -7.05 -25.31
N GLN B 140 5.48 -6.24 -25.24
CA GLN B 140 5.50 -4.78 -25.21
C GLN B 140 6.21 -4.27 -23.97
N ILE B 141 5.85 -4.81 -22.77
CA ILE B 141 6.46 -4.42 -21.49
C ILE B 141 7.98 -4.57 -21.56
N VAL B 142 8.46 -5.78 -21.92
CA VAL B 142 9.88 -6.15 -22.07
C VAL B 142 10.56 -5.25 -23.10
N SER B 143 9.90 -5.00 -24.27
CA SER B 143 10.43 -4.16 -25.35
C SER B 143 10.68 -2.72 -24.89
N ALA B 144 9.69 -2.16 -24.15
CA ALA B 144 9.66 -0.81 -23.61
C ALA B 144 10.73 -0.60 -22.55
N VAL B 145 10.81 -1.52 -21.56
CA VAL B 145 11.77 -1.49 -20.46
C VAL B 145 13.19 -1.61 -21.00
N GLN B 146 13.41 -2.52 -21.96
CA GLN B 146 14.72 -2.69 -22.57
C GLN B 146 15.12 -1.41 -23.35
N TYR B 147 14.17 -0.77 -24.05
CA TYR B 147 14.42 0.47 -24.79
C TYR B 147 14.97 1.55 -23.85
N CYS B 148 14.48 1.62 -22.60
CA CYS B 148 14.96 2.56 -21.60
C CYS B 148 16.41 2.21 -21.27
N HIS B 149 16.69 0.89 -21.18
CA HIS B 149 18.00 0.34 -20.86
C HIS B 149 19.04 0.63 -21.93
N GLN B 150 18.62 0.70 -23.21
CA GLN B 150 19.50 1.03 -24.34
C GLN B 150 20.08 2.44 -24.10
N LYS B 151 19.24 3.31 -23.50
CA LYS B 151 19.52 4.70 -23.18
C LYS B 151 20.04 4.88 -21.74
N PHE B 152 20.38 3.78 -21.07
CA PHE B 152 20.88 3.77 -19.69
C PHE B 152 19.92 4.43 -18.71
N ILE B 153 18.62 4.09 -18.82
CA ILE B 153 17.55 4.58 -17.95
C ILE B 153 16.95 3.36 -17.26
N VAL B 154 16.91 3.35 -15.91
CA VAL B 154 16.33 2.24 -15.14
C VAL B 154 15.18 2.77 -14.26
N HIS B 155 13.96 2.20 -14.47
CA HIS B 155 12.72 2.57 -13.76
C HIS B 155 12.82 2.37 -12.24
N ARG B 156 13.47 1.25 -11.81
CA ARG B 156 13.69 0.83 -10.42
C ARG B 156 12.43 0.71 -9.56
N ASP B 157 11.24 0.96 -10.14
CA ASP B 157 9.95 0.91 -9.44
C ASP B 157 8.81 0.41 -10.37
N LEU B 158 8.89 -0.87 -10.80
CA LEU B 158 7.91 -1.47 -11.70
C LEU B 158 6.81 -2.14 -10.91
N LYS B 159 5.54 -1.99 -11.34
CA LYS B 159 4.35 -2.56 -10.69
C LYS B 159 3.16 -2.65 -11.66
N ALA B 160 2.16 -3.51 -11.36
CA ALA B 160 0.95 -3.69 -12.18
C ALA B 160 0.03 -2.48 -11.99
N GLU B 161 0.25 -1.82 -10.84
CA GLU B 161 -0.44 -0.63 -10.39
C GLU B 161 -0.16 0.49 -11.37
N ASN B 162 1.10 0.61 -11.84
CA ASN B 162 1.60 1.63 -12.77
C ASN B 162 1.17 1.45 -14.25
N LEU B 163 1.27 0.21 -14.78
CA LEU B 163 0.95 -0.21 -16.15
C LEU B 163 -0.46 0.18 -16.55
N LEU B 164 -0.59 0.81 -17.73
CA LEU B 164 -1.86 1.28 -18.30
C LEU B 164 -2.21 0.56 -19.62
N LEU B 165 -3.45 0.71 -20.07
CA LEU B 165 -3.90 0.13 -21.32
C LEU B 165 -4.54 1.21 -22.15
N ASP B 166 -4.26 1.20 -23.46
CA ASP B 166 -4.80 2.19 -24.38
C ASP B 166 -6.16 1.69 -24.89
N ALA B 167 -6.67 2.34 -25.95
CA ALA B 167 -7.94 2.02 -26.59
C ALA B 167 -7.95 0.58 -27.09
N ASP B 168 -6.88 0.15 -27.79
CA ASP B 168 -6.73 -1.18 -28.39
C ASP B 168 -6.05 -2.22 -27.45
N MET B 169 -6.18 -2.04 -26.13
CA MET B 169 -5.65 -2.90 -25.07
C MET B 169 -4.12 -3.18 -25.16
N ASN B 170 -3.34 -2.17 -25.58
CA ASN B 170 -1.88 -2.25 -25.67
C ASN B 170 -1.30 -1.62 -24.39
N ILE B 171 -0.19 -2.15 -23.88
CA ILE B 171 0.46 -1.64 -22.67
C ILE B 171 0.98 -0.22 -22.90
N LYS B 172 0.84 0.65 -21.90
CA LYS B 172 1.33 2.03 -21.93
C LYS B 172 1.93 2.24 -20.56
N ILE B 173 3.25 2.22 -20.45
CA ILE B 173 3.93 2.40 -19.18
C ILE B 173 3.86 3.89 -18.76
N ALA B 174 3.49 4.16 -17.50
CA ALA B 174 3.42 5.52 -16.99
C ALA B 174 4.37 5.70 -15.79
N ASP B 175 4.67 6.97 -15.41
CA ASP B 175 5.55 7.35 -14.28
C ASP B 175 7.03 7.03 -14.52
N PHE B 176 7.89 7.82 -13.87
CA PHE B 176 9.36 7.77 -13.87
C PHE B 176 9.89 8.73 -12.78
N GLY B 177 8.96 9.31 -12.00
CA GLY B 177 9.22 10.23 -10.90
C GLY B 177 8.11 10.24 -9.86
N SER B 194 4.17 -1.85 -4.23
CA SER B 194 5.55 -1.47 -4.52
C SER B 194 6.62 -2.49 -3.99
N PRO B 195 6.72 -2.84 -2.66
CA PRO B 195 7.73 -3.82 -2.21
C PRO B 195 7.67 -5.24 -2.80
N PRO B 196 6.51 -5.95 -3.07
CA PRO B 196 6.60 -7.30 -3.66
C PRO B 196 7.30 -7.34 -5.03
N TYR B 197 7.44 -6.16 -5.67
CA TYR B 197 8.11 -5.97 -6.96
C TYR B 197 9.61 -5.74 -6.80
N ALA B 198 10.10 -5.60 -5.55
CA ALA B 198 11.52 -5.38 -5.25
C ALA B 198 12.36 -6.66 -5.35
N ALA B 199 13.61 -6.49 -5.83
CA ALA B 199 14.64 -7.50 -6.06
C ALA B 199 15.23 -8.01 -4.74
N PRO B 200 15.96 -9.17 -4.71
CA PRO B 200 16.53 -9.63 -3.43
C PRO B 200 17.58 -8.67 -2.88
N GLU B 201 18.58 -8.25 -3.68
CA GLU B 201 19.66 -7.35 -3.25
C GLU B 201 19.16 -5.99 -2.73
N LEU B 202 17.92 -5.60 -3.11
CA LEU B 202 17.29 -4.36 -2.66
C LEU B 202 16.85 -4.51 -1.19
N PHE B 203 16.52 -5.75 -0.78
CA PHE B 203 16.11 -6.16 0.58
C PHE B 203 17.34 -6.52 1.41
N GLN B 204 18.51 -6.61 0.74
CA GLN B 204 19.84 -6.91 1.30
C GLN B 204 20.64 -5.60 1.48
N GLY B 205 20.09 -4.48 1.01
CA GLY B 205 20.70 -3.17 1.11
C GLY B 205 21.81 -3.00 0.11
N LYS B 206 21.43 -2.71 -1.16
CA LYS B 206 22.38 -2.53 -2.26
C LYS B 206 21.87 -1.53 -3.30
N ASP B 209 20.70 -0.87 -7.99
CA ASP B 209 20.84 0.45 -8.60
C ASP B 209 20.82 0.42 -10.15
N GLY B 210 21.11 -0.74 -10.75
CA GLY B 210 21.15 -0.85 -12.21
C GLY B 210 20.03 -1.59 -12.93
N PRO B 211 20.30 -2.04 -14.18
CA PRO B 211 19.27 -2.75 -14.96
C PRO B 211 18.84 -4.11 -14.43
N GLU B 212 19.73 -4.77 -13.67
CA GLU B 212 19.49 -6.09 -13.06
C GLU B 212 18.22 -6.12 -12.19
N VAL B 213 17.86 -4.96 -11.62
CA VAL B 213 16.72 -4.72 -10.73
C VAL B 213 15.41 -4.84 -11.50
N ASP B 214 15.34 -4.17 -12.69
CA ASP B 214 14.18 -4.15 -13.58
C ASP B 214 13.85 -5.53 -14.17
N VAL B 215 14.87 -6.43 -14.25
CA VAL B 215 14.72 -7.80 -14.75
C VAL B 215 13.92 -8.59 -13.70
N TRP B 216 14.20 -8.39 -12.40
CA TRP B 216 13.47 -9.09 -11.33
C TRP B 216 11.97 -8.70 -11.37
N SER B 217 11.66 -7.39 -11.39
CA SER B 217 10.30 -6.81 -11.42
C SER B 217 9.47 -7.32 -12.56
N LEU B 218 10.09 -7.54 -13.72
CA LEU B 218 9.42 -8.06 -14.91
C LEU B 218 8.96 -9.49 -14.70
N GLY B 219 9.73 -10.25 -13.92
CA GLY B 219 9.41 -11.62 -13.57
C GLY B 219 8.16 -11.61 -12.71
N VAL B 220 8.13 -10.68 -11.71
CA VAL B 220 6.99 -10.43 -10.81
C VAL B 220 5.78 -10.08 -11.70
N ILE B 221 5.91 -9.01 -12.55
CA ILE B 221 4.88 -8.53 -13.48
C ILE B 221 4.31 -9.66 -14.33
N LEU B 222 5.20 -10.49 -14.92
CA LEU B 222 4.82 -11.63 -15.75
C LEU B 222 3.92 -12.56 -14.98
N TYR B 223 4.36 -12.99 -13.78
CA TYR B 223 3.66 -13.89 -12.88
C TYR B 223 2.31 -13.28 -12.53
N THR B 224 2.30 -11.98 -12.16
CA THR B 224 1.13 -11.17 -11.82
C THR B 224 0.06 -11.22 -12.93
N LEU B 225 0.51 -11.10 -14.19
CA LEU B 225 -0.36 -11.13 -15.37
C LEU B 225 -1.03 -12.48 -15.59
N VAL B 226 -0.24 -13.57 -15.68
CA VAL B 226 -0.72 -14.94 -15.93
C VAL B 226 -1.52 -15.60 -14.78
N SER B 227 -1.22 -15.25 -13.51
CA SER B 227 -1.90 -15.87 -12.36
C SER B 227 -2.96 -14.99 -11.67
N GLY B 228 -2.80 -13.68 -11.77
CA GLY B 228 -3.71 -12.72 -11.14
C GLY B 228 -3.26 -12.33 -9.74
N SER B 229 -2.24 -13.02 -9.20
CA SER B 229 -1.72 -12.74 -7.87
C SER B 229 -0.22 -12.39 -7.87
N LEU B 230 0.31 -12.03 -6.69
CA LEU B 230 1.71 -11.68 -6.47
C LEU B 230 2.48 -12.96 -6.12
N PRO B 231 3.72 -13.12 -6.63
CA PRO B 231 4.47 -14.35 -6.33
C PRO B 231 4.93 -14.47 -4.88
N PHE B 232 5.27 -13.32 -4.24
CA PHE B 232 5.74 -13.26 -2.85
C PHE B 232 4.90 -12.27 -2.02
N ASP B 233 4.43 -12.72 -0.84
CA ASP B 233 3.59 -11.93 0.08
C ASP B 233 4.22 -11.65 1.44
N ASN B 236 2.66 -9.29 6.30
CA ASN B 236 3.85 -8.91 7.06
C ASN B 236 5.07 -8.71 6.15
N LEU B 237 6.07 -7.95 6.61
CA LEU B 237 7.32 -7.61 5.88
C LEU B 237 8.51 -8.46 6.29
N LYS B 238 8.42 -9.12 7.46
CA LYS B 238 9.45 -10.03 7.97
C LYS B 238 9.25 -11.28 7.13
N GLU B 239 7.97 -11.54 6.81
CA GLU B 239 7.43 -12.61 5.98
C GLU B 239 7.88 -12.37 4.55
N LEU B 240 7.59 -11.15 4.01
CA LEU B 240 7.93 -10.70 2.67
C LEU B 240 9.41 -10.79 2.38
N ARG B 241 10.26 -10.13 3.20
CA ARG B 241 11.71 -10.15 3.07
C ARG B 241 12.23 -11.59 3.10
N GLU B 242 11.63 -12.47 3.94
CA GLU B 242 12.02 -13.88 4.03
C GLU B 242 11.64 -14.59 2.70
N ARG B 243 10.34 -14.52 2.32
CA ARG B 243 9.74 -15.12 1.13
C ARG B 243 10.38 -14.69 -0.19
N VAL B 244 10.79 -13.41 -0.32
CA VAL B 244 11.45 -12.88 -1.51
C VAL B 244 12.86 -13.48 -1.58
N LEU B 245 13.62 -13.42 -0.46
CA LEU B 245 14.98 -13.94 -0.36
C LEU B 245 15.11 -15.43 -0.60
N ARG B 246 14.04 -16.20 -0.30
CA ARG B 246 14.01 -17.64 -0.52
C ARG B 246 14.04 -17.83 -2.03
N GLY B 247 13.18 -17.10 -2.73
CA GLY B 247 13.08 -17.14 -4.18
C GLY B 247 11.95 -18.02 -4.65
N LYS B 248 11.57 -19.00 -3.80
CA LYS B 248 10.50 -19.94 -4.06
C LYS B 248 9.14 -19.24 -4.04
N TYR B 249 8.44 -19.31 -5.18
CA TYR B 249 7.11 -18.74 -5.43
C TYR B 249 6.17 -19.89 -5.76
N ARG B 250 4.86 -19.71 -5.54
CA ARG B 250 3.89 -20.76 -5.82
C ARG B 250 3.66 -20.91 -7.33
N ILE B 251 3.91 -22.09 -7.92
CA ILE B 251 3.68 -22.29 -9.37
C ILE B 251 2.21 -22.73 -9.58
N PRO B 252 1.35 -21.88 -10.22
CA PRO B 252 -0.07 -22.27 -10.42
C PRO B 252 -0.29 -23.46 -11.34
N PHE B 253 -1.21 -24.36 -10.97
CA PHE B 253 -1.53 -25.60 -11.69
C PHE B 253 -1.69 -25.46 -13.21
N TYR B 254 -2.27 -24.34 -13.68
CA TYR B 254 -2.53 -24.08 -15.10
C TYR B 254 -1.31 -23.57 -15.89
N MET B 255 -0.24 -23.14 -15.21
CA MET B 255 0.96 -22.62 -15.86
C MET B 255 1.70 -23.66 -16.74
N SER B 256 2.25 -23.22 -17.88
CA SER B 256 2.98 -24.09 -18.78
C SER B 256 4.43 -24.19 -18.33
N THR B 257 5.11 -25.27 -18.77
CA THR B 257 6.53 -25.53 -18.48
C THR B 257 7.36 -24.38 -19.08
N ASP B 258 6.98 -23.91 -20.30
CA ASP B 258 7.66 -22.82 -21.02
C ASP B 258 7.56 -21.51 -20.22
N CYS B 259 6.33 -21.13 -19.73
CA CYS B 259 6.13 -19.92 -18.93
C CYS B 259 6.94 -19.94 -17.64
N GLU B 260 7.07 -21.12 -17.00
CA GLU B 260 7.83 -21.30 -15.77
C GLU B 260 9.34 -21.13 -16.01
N ASN B 261 9.83 -21.55 -17.20
CA ASN B 261 11.24 -21.44 -17.62
C ASN B 261 11.61 -19.97 -17.76
N LEU B 262 10.68 -19.17 -18.35
CA LEU B 262 10.82 -17.73 -18.58
C LEU B 262 10.87 -17.03 -17.23
N LEU B 263 10.05 -17.46 -16.25
CA LEU B 263 10.02 -16.90 -14.91
C LEU B 263 11.36 -17.14 -14.23
N LYS B 264 11.97 -18.33 -14.49
CA LYS B 264 13.27 -18.72 -13.97
C LYS B 264 14.37 -17.84 -14.55
N LYS B 265 14.17 -17.31 -15.78
CA LYS B 265 15.15 -16.44 -16.43
C LYS B 265 15.20 -15.07 -15.74
N PHE B 266 14.05 -14.63 -15.16
CA PHE B 266 13.88 -13.36 -14.48
C PHE B 266 14.19 -13.45 -13.00
N LEU B 267 13.38 -14.24 -12.30
CA LEU B 267 13.46 -14.43 -10.85
C LEU B 267 14.63 -15.30 -10.40
N ILE B 268 15.86 -14.71 -10.43
CA ILE B 268 17.13 -15.34 -10.01
C ILE B 268 17.66 -14.52 -8.82
N LEU B 269 17.96 -15.20 -7.69
CA LEU B 269 18.45 -14.52 -6.47
C LEU B 269 19.75 -13.68 -6.69
N ASN B 270 20.75 -14.19 -7.45
CA ASN B 270 22.00 -13.45 -7.71
C ASN B 270 21.86 -12.47 -8.91
N PRO B 271 21.97 -11.13 -8.68
CA PRO B 271 21.82 -10.16 -9.78
C PRO B 271 22.88 -10.32 -10.86
N SER B 272 24.07 -10.76 -10.46
CA SER B 272 25.23 -11.03 -11.30
C SER B 272 24.98 -12.22 -12.28
N LYS B 273 24.09 -13.16 -11.87
CA LYS B 273 23.70 -14.34 -12.65
C LYS B 273 22.35 -14.13 -13.39
N ARG B 274 21.71 -12.95 -13.20
CA ARG B 274 20.44 -12.63 -13.84
C ARG B 274 20.69 -12.21 -15.28
N GLY B 275 19.99 -12.87 -16.22
CA GLY B 275 20.09 -12.60 -17.65
C GLY B 275 19.75 -11.18 -18.03
N THR B 276 20.23 -10.73 -19.21
CA THR B 276 19.95 -9.38 -19.71
C THR B 276 18.58 -9.42 -20.39
N LEU B 277 17.98 -8.25 -20.65
CA LEU B 277 16.69 -8.26 -21.32
C LEU B 277 16.79 -8.66 -22.78
N GLU B 278 17.99 -8.47 -23.37
CA GLU B 278 18.28 -8.85 -24.74
C GLU B 278 18.38 -10.37 -24.85
N GLN B 279 18.97 -11.00 -23.80
CA GLN B 279 19.15 -12.43 -23.65
C GLN B 279 17.76 -13.10 -23.50
N ILE B 280 16.89 -12.48 -22.67
CA ILE B 280 15.55 -12.97 -22.34
C ILE B 280 14.56 -12.79 -23.49
N MET B 281 14.80 -11.81 -24.39
CA MET B 281 13.92 -11.55 -25.53
C MET B 281 13.80 -12.70 -26.52
N LYS B 282 14.86 -13.52 -26.62
CA LYS B 282 14.97 -14.69 -27.50
C LYS B 282 14.32 -15.96 -26.93
N ASP B 283 13.74 -15.88 -25.71
CA ASP B 283 13.08 -17.00 -25.04
C ASP B 283 11.88 -17.49 -25.84
N ARG B 284 11.71 -18.84 -25.87
CA ARG B 284 10.64 -19.54 -26.59
C ARG B 284 9.24 -18.99 -26.29
N TRP B 285 8.86 -18.91 -24.99
CA TRP B 285 7.56 -18.38 -24.59
C TRP B 285 7.34 -16.98 -25.15
N MET B 286 8.40 -16.14 -25.19
CA MET B 286 8.29 -14.77 -25.71
C MET B 286 7.89 -14.73 -27.19
N ASN B 287 8.22 -15.78 -27.98
CA ASN B 287 7.94 -15.82 -29.42
C ASN B 287 6.92 -16.89 -29.92
N VAL B 288 6.01 -17.35 -29.06
CA VAL B 288 4.97 -18.33 -29.46
C VAL B 288 3.86 -17.57 -30.24
N GLY B 289 3.85 -17.70 -31.55
CA GLY B 289 2.90 -17.01 -32.42
C GLY B 289 3.54 -15.78 -33.03
N HIS B 290 4.87 -15.73 -32.99
CA HIS B 290 5.73 -14.67 -33.51
C HIS B 290 7.02 -15.40 -33.88
N GLU B 291 6.89 -16.45 -34.71
CA GLU B 291 8.02 -17.27 -35.16
C GLU B 291 8.91 -16.51 -36.15
N ASP B 292 8.29 -15.85 -37.17
CA ASP B 292 9.00 -15.06 -38.17
C ASP B 292 9.47 -13.71 -37.59
N ASP B 293 8.68 -13.15 -36.66
CA ASP B 293 8.92 -11.87 -35.97
C ASP B 293 9.38 -12.06 -34.52
N GLU B 294 10.65 -12.49 -34.34
CA GLU B 294 11.25 -12.69 -33.03
C GLU B 294 11.41 -11.32 -32.35
N LEU B 295 11.23 -11.25 -31.01
CA LEU B 295 11.36 -9.99 -30.25
C LEU B 295 12.83 -9.56 -30.23
N LYS B 296 13.08 -8.36 -30.75
CA LYS B 296 14.42 -7.76 -30.84
C LYS B 296 14.45 -6.43 -30.09
N PRO B 297 15.64 -5.93 -29.60
CA PRO B 297 15.66 -4.63 -28.92
C PRO B 297 15.08 -3.54 -29.81
N TYR B 298 14.23 -2.67 -29.25
CA TYR B 298 13.58 -1.60 -30.03
C TYR B 298 14.54 -0.68 -30.78
N VAL B 299 14.33 -0.50 -32.09
CA VAL B 299 15.14 0.44 -32.87
C VAL B 299 14.24 1.71 -33.00
N GLU B 300 14.56 2.78 -32.26
CA GLU B 300 13.71 3.97 -32.30
C GLU B 300 13.75 4.64 -33.69
N PRO B 301 12.58 5.09 -34.20
CA PRO B 301 12.55 5.68 -35.54
C PRO B 301 13.27 7.02 -35.61
N LEU B 302 13.77 7.34 -36.80
CA LEU B 302 14.48 8.59 -37.05
C LEU B 302 13.51 9.78 -36.97
N PRO B 303 14.01 10.98 -36.63
CA PRO B 303 13.10 12.13 -36.49
C PRO B 303 12.55 12.73 -37.78
N ASP B 304 11.21 12.87 -37.83
CA ASP B 304 10.53 13.47 -38.97
C ASP B 304 10.06 14.85 -38.50
N TYR B 305 11.00 15.84 -38.51
CA TYR B 305 10.74 17.20 -38.07
C TYR B 305 10.20 18.10 -39.21
N LYS B 306 9.94 17.52 -40.39
CA LYS B 306 9.44 18.25 -41.56
C LYS B 306 8.31 17.55 -42.35
N ASP B 307 7.31 16.98 -41.64
CA ASP B 307 6.15 16.33 -42.28
C ASP B 307 5.38 17.41 -43.01
N PRO B 308 5.14 17.26 -44.33
CA PRO B 308 4.42 18.30 -45.07
C PRO B 308 2.93 18.49 -44.71
N ARG B 309 2.24 17.38 -44.42
CA ARG B 309 0.84 17.31 -44.04
C ARG B 309 0.54 18.17 -42.82
N ARG B 310 1.33 17.97 -41.76
CA ARG B 310 1.25 18.66 -40.46
C ARG B 310 1.76 20.08 -40.49
N THR B 311 2.82 20.37 -41.26
CA THR B 311 3.41 21.72 -41.34
C THR B 311 2.48 22.65 -42.12
N GLU B 312 1.77 22.16 -43.17
CA GLU B 312 0.81 22.99 -43.93
C GLU B 312 -0.39 23.29 -43.04
N LEU B 313 -0.80 22.29 -42.23
CA LEU B 313 -1.91 22.38 -41.28
C LEU B 313 -1.57 23.34 -40.14
N MET B 314 -0.29 23.41 -39.76
CA MET B 314 0.22 24.28 -38.72
C MET B 314 0.41 25.70 -39.20
N VAL B 315 0.97 25.88 -40.42
CA VAL B 315 1.17 27.21 -41.00
C VAL B 315 -0.21 27.89 -41.21
N SER B 316 -1.25 27.06 -41.46
CA SER B 316 -2.65 27.46 -41.63
C SER B 316 -3.21 27.98 -40.28
N MET B 317 -2.69 27.43 -39.16
CA MET B 317 -3.07 27.79 -37.78
C MET B 317 -2.43 29.09 -37.28
N GLY B 318 -1.54 29.67 -38.07
CA GLY B 318 -0.86 30.91 -37.72
C GLY B 318 0.56 30.70 -37.23
N TYR B 319 1.05 29.45 -37.31
CA TYR B 319 2.41 29.10 -36.90
C TYR B 319 3.35 29.38 -38.05
N THR B 320 4.55 29.92 -37.76
CA THR B 320 5.54 30.20 -38.80
C THR B 320 6.30 28.90 -39.06
N ARG B 321 6.53 28.57 -40.36
CA ARG B 321 7.24 27.37 -40.82
C ARG B 321 8.60 27.17 -40.13
N GLU B 322 9.21 28.29 -39.64
CA GLU B 322 10.49 28.28 -38.93
C GLU B 322 10.30 28.04 -37.43
N GLU B 323 9.30 28.66 -36.79
CA GLU B 323 9.07 28.39 -35.36
C GLU B 323 8.73 26.91 -35.15
N ILE B 324 8.16 26.25 -36.19
CA ILE B 324 7.82 24.83 -36.18
C ILE B 324 9.14 24.04 -36.14
N GLN B 325 10.11 24.46 -36.97
CA GLN B 325 11.42 23.83 -37.07
C GLN B 325 12.26 24.08 -35.82
N ASP B 326 12.26 25.35 -35.35
CA ASP B 326 12.98 25.86 -34.18
C ASP B 326 12.66 25.04 -32.94
N SER B 327 11.36 24.83 -32.67
CA SER B 327 10.83 24.09 -31.53
C SER B 327 11.17 22.59 -31.56
N LEU B 328 10.93 21.93 -32.73
CA LEU B 328 11.17 20.51 -32.97
C LEU B 328 12.62 20.11 -32.76
N VAL B 329 13.54 20.82 -33.43
CA VAL B 329 14.99 20.60 -33.39
C VAL B 329 15.52 20.73 -31.95
N GLY B 330 15.12 21.81 -31.29
CA GLY B 330 15.50 22.08 -29.92
C GLY B 330 14.78 21.21 -28.91
N GLN B 331 13.80 20.38 -29.38
CA GLN B 331 12.96 19.46 -28.60
C GLN B 331 12.43 20.15 -27.34
N ARG B 332 11.89 21.35 -27.55
CA ARG B 332 11.37 22.27 -26.55
C ARG B 332 10.09 21.84 -25.83
N TYR B 333 9.25 20.95 -26.44
CA TYR B 333 7.98 20.48 -25.89
C TYR B 333 7.10 21.66 -25.53
N ASN B 334 7.05 22.66 -26.42
CA ASN B 334 6.27 23.89 -26.28
C ASN B 334 4.93 23.70 -26.99
N GLU B 335 4.11 24.78 -27.15
CA GLU B 335 2.79 24.66 -27.79
C GLU B 335 2.90 24.32 -29.28
N VAL B 336 4.04 24.68 -29.91
CA VAL B 336 4.30 24.39 -31.31
C VAL B 336 4.53 22.85 -31.42
N MET B 337 5.53 22.32 -30.66
CA MET B 337 5.89 20.89 -30.62
C MET B 337 4.66 20.02 -30.28
N ALA B 338 3.88 20.39 -29.25
CA ALA B 338 2.66 19.67 -28.84
C ALA B 338 1.70 19.52 -30.01
N THR B 339 1.32 20.66 -30.67
CA THR B 339 0.42 20.75 -31.84
C THR B 339 0.86 19.80 -32.97
N TYR B 340 2.18 19.76 -33.26
CA TYR B 340 2.79 18.91 -34.28
C TYR B 340 2.70 17.42 -33.96
N LEU B 341 3.12 17.00 -32.76
CA LEU B 341 3.09 15.59 -32.34
C LEU B 341 1.67 15.03 -32.35
N LEU B 342 0.70 15.84 -31.84
CA LEU B 342 -0.74 15.52 -31.76
C LEU B 342 -1.41 15.42 -33.14
N LEU B 343 -0.97 16.27 -34.09
CA LEU B 343 -1.44 16.30 -35.48
C LEU B 343 -1.10 15.00 -36.22
N GLY B 344 -0.13 14.27 -35.68
CA GLY B 344 0.33 12.98 -36.17
C GLY B 344 -0.36 11.88 -35.39
N TYR B 345 -1.70 11.76 -35.56
CA TYR B 345 -2.61 10.78 -34.94
C TYR B 345 -3.83 10.55 -35.84
#